data_4HWL
#
_entry.id   4HWL
#
_cell.length_a   46.160
_cell.length_b   113.290
_cell.length_c   56.190
_cell.angle_alpha   90.00
_cell.angle_beta   114.27
_cell.angle_gamma   90.00
#
_symmetry.space_group_name_H-M   'P 1 21 1'
#
loop_
_entity.id
_entity.type
_entity.pdbx_description
1 polymer Bacteriorhodopsin
2 non-polymer RETINAL
3 non-polymer HEXANE
4 non-polymer HEPTANE
5 non-polymer GLYCEROL
6 water water
#
_entity_poly.entity_id   1
_entity_poly.type   'polypeptide(L)'
_entity_poly.pdbx_seq_one_letter_code
;MLELLPTAVEGVSQAQITGRPEWIWLALGTALMGLGTLYFLVKGMGVSDPDAKKFYAITTLVPAIAFTMYLSMLLGYGLT
MVPFGGEQNPIYWARYADWLFTTPLLLLDLALLVDADQGTILALVGADGIMIGTGLVGALTKVYSYRFVWWAISTAAMLY
ILYVLFFGFTSKAESMRPEVASTFKVLRNVTVVLWSAYPVVWLIGSEGAGIVPLNIETLLFMVLDVSAKVGFGLILLRSR
AIFGEAEAPEPSAGDGAAATSD
;
_entity_poly.pdbx_strand_id   A,B
#
# COMPACT_ATOMS: atom_id res chain seq x y z
N THR A 18 12.14 2.29 17.28
CA THR A 18 13.54 1.79 17.05
C THR A 18 14.31 2.61 16.00
N GLY A 19 13.60 3.16 15.03
CA GLY A 19 14.19 4.11 14.08
C GLY A 19 15.32 3.58 13.22
N ARG A 20 15.33 2.27 12.97
CA ARG A 20 16.36 1.58 12.08
C ARG A 20 16.60 2.29 10.73
N PRO A 21 17.85 2.34 10.26
CA PRO A 21 18.15 3.25 9.15
C PRO A 21 17.41 2.92 7.81
N GLU A 22 17.07 1.64 7.64
CA GLU A 22 16.39 1.17 6.43
C GLU A 22 14.90 1.53 6.42
N TRP A 23 14.41 2.02 7.55
CA TRP A 23 12.97 2.26 7.66
C TRP A 23 12.44 3.14 6.52
N ILE A 24 13.25 4.08 6.05
CA ILE A 24 12.77 5.04 5.05
C ILE A 24 12.37 4.36 3.73
N TRP A 25 13.09 3.30 3.39
CA TRP A 25 12.90 2.65 2.15
C TRP A 25 11.76 1.67 2.26
N LEU A 26 11.53 1.18 3.46
CA LEU A 26 10.38 0.30 3.78
C LEU A 26 9.10 1.15 3.66
N ALA A 27 9.21 2.44 4.07
CA ALA A 27 8.11 3.39 4.05
C ALA A 27 7.77 3.83 2.65
N LEU A 28 8.81 4.06 1.84
CA LEU A 28 8.62 4.39 0.42
C LEU A 28 8.11 3.16 -0.38
N GLY A 29 8.63 1.96 -0.07
CA GLY A 29 8.12 0.75 -0.66
C GLY A 29 6.65 0.51 -0.32
N THR A 30 6.27 0.85 0.88
CA THR A 30 4.83 0.71 1.34
C THR A 30 3.96 1.59 0.48
N ALA A 31 4.36 2.85 0.37
CA ALA A 31 3.63 3.85 -0.38
C ALA A 31 3.56 3.50 -1.87
N LEU A 32 4.65 2.99 -2.46
CA LEU A 32 4.63 2.68 -3.89
C LEU A 32 3.78 1.47 -4.22
N MET A 33 3.91 0.45 -3.38
CA MET A 33 3.13 -0.72 -3.51
C MET A 33 1.61 -0.36 -3.32
N GLY A 34 1.29 0.45 -2.29
CA GLY A 34 -0.09 0.83 -2.03
C GLY A 34 -0.74 1.55 -3.18
N LEU A 35 -0.06 2.55 -3.69
CA LEU A 35 -0.55 3.34 -4.80
C LEU A 35 -0.75 2.49 -6.01
N GLY A 36 0.20 1.61 -6.30
CA GLY A 36 0.10 0.74 -7.44
C GLY A 36 -1.07 -0.19 -7.28
N THR A 37 -1.28 -0.81 -6.09
CA THR A 37 -2.45 -1.64 -5.83
C THR A 37 -3.78 -0.89 -6.11
N LEU A 38 -3.93 0.27 -5.49
CA LEU A 38 -5.11 1.09 -5.70
C LEU A 38 -5.38 1.39 -7.16
N TYR A 39 -4.33 1.88 -7.88
CA TYR A 39 -4.44 2.14 -9.30
C TYR A 39 -4.91 0.96 -10.15
N PHE A 40 -4.32 -0.21 -9.92
CA PHE A 40 -4.70 -1.39 -10.64
C PHE A 40 -6.15 -1.84 -10.28
N LEU A 41 -6.53 -1.70 -9.00
CA LEU A 41 -7.87 -2.03 -8.54
C LEU A 41 -8.91 -1.14 -9.26
N VAL A 42 -8.67 0.15 -9.25
CA VAL A 42 -9.58 1.12 -9.94
C VAL A 42 -9.71 0.79 -11.38
N LYS A 43 -8.58 0.50 -12.00
CA LYS A 43 -8.57 0.21 -13.43
C LYS A 43 -9.23 -1.13 -13.67
N GLY A 44 -8.95 -2.10 -12.80
CA GLY A 44 -9.52 -3.48 -12.95
C GLY A 44 -11.00 -3.44 -12.79
N MET A 45 -11.48 -2.62 -11.85
CA MET A 45 -12.87 -2.57 -11.57
C MET A 45 -13.72 -2.17 -12.79
N GLY A 46 -13.15 -1.37 -13.69
CA GLY A 46 -13.82 -0.84 -14.88
C GLY A 46 -13.81 -1.70 -16.12
N VAL A 47 -13.04 -2.77 -16.12
CA VAL A 47 -12.96 -3.70 -17.24
C VAL A 47 -14.08 -4.76 -17.18
N SER A 48 -14.67 -5.04 -18.35
CA SER A 48 -15.68 -6.08 -18.48
C SER A 48 -15.20 -7.27 -19.30
N ASP A 49 -14.13 -7.11 -20.11
CA ASP A 49 -13.64 -8.25 -20.91
C ASP A 49 -13.29 -9.37 -19.95
N PRO A 50 -13.76 -10.60 -20.22
CA PRO A 50 -13.43 -11.64 -19.24
C PRO A 50 -11.94 -11.93 -19.11
N ASP A 51 -11.30 -12.16 -20.23
CA ASP A 51 -9.88 -12.47 -20.22
C ASP A 51 -9.03 -11.38 -19.50
N ALA A 52 -9.34 -10.11 -19.76
CA ALA A 52 -8.66 -8.97 -19.13
C ALA A 52 -8.84 -8.98 -17.63
N LYS A 53 -10.03 -9.35 -17.17
CA LYS A 53 -10.31 -9.40 -15.73
C LYS A 53 -9.34 -10.30 -14.96
N LYS A 54 -9.01 -11.43 -15.56
CA LYS A 54 -8.12 -12.40 -14.91
C LYS A 54 -6.71 -11.82 -14.64
N PHE A 55 -6.17 -11.18 -15.66
CA PHE A 55 -4.91 -10.45 -15.60
C PHE A 55 -4.98 -9.33 -14.55
N TYR A 56 -6.10 -8.60 -14.50
CA TYR A 56 -6.28 -7.59 -13.48
C TYR A 56 -6.30 -8.13 -12.07
N ALA A 57 -6.95 -9.26 -11.86
CA ALA A 57 -7.05 -9.77 -10.54
C ALA A 57 -5.67 -10.17 -10.05
N ILE A 58 -5.00 -10.90 -10.91
CA ILE A 58 -3.73 -11.52 -10.56
C ILE A 58 -2.79 -10.33 -10.25
N THR A 59 -2.79 -9.40 -11.19
CA THR A 59 -1.82 -8.35 -11.19
C THR A 59 -2.12 -7.31 -10.09
N THR A 60 -3.38 -7.19 -9.61
CA THR A 60 -3.66 -6.35 -8.45
C THR A 60 -3.22 -6.99 -7.14
N LEU A 61 -3.46 -8.27 -7.07
CA LEU A 61 -3.11 -9.01 -5.85
C LEU A 61 -1.57 -8.98 -5.52
N VAL A 62 -0.77 -8.88 -6.54
CA VAL A 62 0.67 -8.89 -6.39
C VAL A 62 1.20 -7.73 -5.54
N PRO A 63 0.85 -6.46 -5.88
CA PRO A 63 1.34 -5.36 -5.09
C PRO A 63 0.60 -5.23 -3.81
N ALA A 64 -0.56 -5.85 -3.74
CA ALA A 64 -1.30 -5.87 -2.55
C ALA A 64 -0.60 -6.68 -1.45
N ILE A 65 -0.17 -7.87 -1.79
CA ILE A 65 0.62 -8.72 -0.94
C ILE A 65 1.94 -8.00 -0.52
N ALA A 66 2.65 -7.48 -1.49
CA ALA A 66 3.88 -6.68 -1.22
C ALA A 66 3.60 -5.54 -0.25
N PHE A 67 2.46 -4.84 -0.45
CA PHE A 67 2.06 -3.79 0.45
C PHE A 67 2.01 -4.26 1.88
N THR A 68 1.33 -5.39 2.15
CA THR A 68 1.18 -5.87 3.49
C THR A 68 2.45 -6.21 4.19
N MET A 69 3.35 -6.82 3.42
CA MET A 69 4.64 -7.25 3.88
C MET A 69 5.59 -6.07 4.12
N TYR A 70 5.56 -5.08 3.21
CA TYR A 70 6.30 -3.85 3.37
C TYR A 70 5.82 -3.02 4.60
N LEU A 71 4.51 -2.93 4.75
CA LEU A 71 3.91 -2.29 5.94
C LEU A 71 4.29 -2.98 7.27
N SER A 72 4.21 -4.32 7.30
CA SER A 72 4.62 -5.12 8.43
C SER A 72 6.04 -4.87 8.83
N MET A 73 6.92 -4.92 7.85
CA MET A 73 8.35 -4.70 8.12
C MET A 73 8.58 -3.32 8.66
N LEU A 74 7.88 -2.35 8.09
CA LEU A 74 7.96 -0.98 8.57
C LEU A 74 7.64 -0.94 10.06
N LEU A 75 6.61 -1.68 10.46
CA LEU A 75 6.12 -1.61 11.84
C LEU A 75 6.90 -2.56 12.71
N GLY A 76 7.93 -3.18 12.11
CA GLY A 76 8.92 -3.98 12.79
C GLY A 76 8.59 -5.45 12.91
N TYR A 77 7.68 -5.95 12.10
CA TYR A 77 7.47 -7.37 12.07
C TYR A 77 8.30 -7.95 10.93
N GLY A 78 8.42 -9.26 10.93
CA GLY A 78 9.22 -9.97 9.92
C GLY A 78 10.67 -9.83 9.97
N LEU A 79 11.18 -9.48 11.16
CA LEU A 79 12.62 -9.25 11.36
C LEU A 79 13.14 -10.15 12.45
N THR A 80 14.15 -10.93 12.15
CA THR A 80 14.74 -11.78 13.19
C THR A 80 16.24 -11.70 13.16
N MET A 81 16.90 -11.91 14.30
CA MET A 81 18.38 -11.91 14.38
C MET A 81 18.90 -13.29 14.16
N VAL A 82 19.84 -13.46 13.24
CA VAL A 82 20.42 -14.77 13.07
C VAL A 82 21.90 -14.74 13.34
N PRO A 83 22.42 -15.72 14.14
CA PRO A 83 23.91 -15.68 14.44
C PRO A 83 24.75 -16.44 13.41
N PHE A 84 25.75 -15.78 12.86
CA PHE A 84 26.68 -16.37 11.90
C PHE A 84 27.80 -15.39 11.71
N GLY A 85 29.01 -15.89 11.38
CA GLY A 85 30.24 -15.08 11.22
C GLY A 85 30.60 -14.24 12.47
N GLY A 86 30.23 -14.71 13.67
CA GLY A 86 30.47 -14.03 14.98
C GLY A 86 29.58 -12.84 15.34
N GLU A 87 28.43 -12.73 14.74
CA GLU A 87 27.63 -11.50 14.88
C GLU A 87 26.19 -11.91 14.90
N GLN A 88 25.34 -11.09 15.47
CA GLN A 88 23.92 -11.22 15.25
C GLN A 88 23.55 -10.39 14.00
N ASN A 89 23.05 -11.05 12.97
CA ASN A 89 22.69 -10.42 11.74
C ASN A 89 21.21 -10.25 11.58
N PRO A 90 20.80 -9.02 11.28
CA PRO A 90 19.40 -8.82 11.06
C PRO A 90 18.92 -9.40 9.72
N ILE A 91 17.91 -10.27 9.75
CA ILE A 91 17.34 -10.85 8.57
C ILE A 91 15.84 -10.58 8.51
N TYR A 92 15.39 -9.92 7.44
CA TYR A 92 13.96 -9.72 7.19
C TYR A 92 13.40 -10.92 6.50
N TRP A 93 12.87 -11.86 7.27
CA TRP A 93 12.24 -13.03 6.68
C TRP A 93 10.88 -12.74 6.00
N ALA A 94 10.25 -11.57 6.31
CA ALA A 94 8.97 -11.20 5.77
C ALA A 94 8.99 -11.09 4.26
N ARG A 95 10.15 -10.82 3.68
CA ARG A 95 10.28 -10.72 2.23
C ARG A 95 9.91 -12.04 1.59
N TYR A 96 10.31 -13.13 2.24
CA TYR A 96 10.05 -14.45 1.75
C TYR A 96 8.54 -14.79 1.74
N ALA A 97 7.78 -14.24 2.71
CA ALA A 97 6.35 -14.45 2.79
C ALA A 97 5.65 -13.75 1.65
N ASP A 98 6.20 -12.62 1.28
CA ASP A 98 5.79 -11.88 0.08
C ASP A 98 6.09 -12.67 -1.17
N TRP A 99 7.37 -12.93 -1.42
CA TRP A 99 7.86 -13.56 -2.65
C TRP A 99 7.29 -14.96 -2.85
N LEU A 100 6.98 -15.68 -1.77
CA LEU A 100 6.34 -16.99 -1.88
C LEU A 100 5.13 -17.02 -2.77
N PHE A 101 4.32 -15.97 -2.65
CA PHE A 101 3.10 -15.81 -3.43
C PHE A 101 3.22 -14.86 -4.60
N THR A 102 3.98 -13.77 -4.43
CA THR A 102 4.08 -12.83 -5.53
C THR A 102 4.84 -13.35 -6.76
N THR A 103 5.95 -14.04 -6.54
CA THR A 103 6.75 -14.52 -7.68
C THR A 103 5.98 -15.53 -8.54
N PRO A 104 5.33 -16.53 -7.94
CA PRO A 104 4.53 -17.43 -8.80
C PRO A 104 3.31 -16.74 -9.52
N LEU A 105 2.69 -15.76 -8.85
CA LEU A 105 1.67 -14.90 -9.50
C LEU A 105 2.19 -14.16 -10.72
N LEU A 106 3.39 -13.60 -10.61
CA LEU A 106 3.99 -12.99 -11.77
C LEU A 106 4.25 -13.98 -12.91
N LEU A 107 4.74 -15.15 -12.55
CA LEU A 107 4.92 -16.23 -13.54
C LEU A 107 3.59 -16.62 -14.16
N LEU A 108 2.54 -16.62 -13.35
CA LEU A 108 1.17 -17.01 -13.82
C LEU A 108 0.69 -16.07 -14.93
N ASP A 109 0.88 -14.77 -14.67
CA ASP A 109 0.59 -13.68 -15.68
C ASP A 109 1.30 -13.96 -17.00
N LEU A 110 2.59 -14.36 -16.91
CA LEU A 110 3.38 -14.64 -18.09
C LEU A 110 2.85 -15.86 -18.82
N ALA A 111 2.60 -16.90 -18.03
CA ALA A 111 2.07 -18.17 -18.53
C ALA A 111 0.69 -18.03 -19.23
N LEU A 112 -0.21 -17.27 -18.64
CA LEU A 112 -1.51 -16.97 -19.27
C LEU A 112 -1.41 -16.10 -20.50
N LEU A 113 -0.45 -15.24 -20.52
CA LEU A 113 -0.19 -14.42 -21.67
C LEU A 113 0.14 -15.24 -22.91
N VAL A 114 0.99 -16.27 -22.77
CA VAL A 114 1.43 -17.10 -23.90
C VAL A 114 0.65 -18.41 -23.96
N ASP A 115 -0.32 -18.59 -23.08
CA ASP A 115 -1.19 -19.75 -23.06
C ASP A 115 -0.41 -21.00 -22.82
N ALA A 116 0.54 -20.95 -21.85
CA ALA A 116 1.39 -22.10 -21.53
C ALA A 116 0.58 -23.28 -21.02
N ASP A 117 1.13 -24.48 -21.22
CA ASP A 117 0.51 -25.70 -20.78
C ASP A 117 0.45 -25.77 -19.24
N GLN A 118 -0.55 -26.45 -18.73
CA GLN A 118 -0.70 -26.70 -17.33
C GLN A 118 0.57 -27.35 -16.69
N GLY A 119 1.19 -28.28 -17.37
CA GLY A 119 2.36 -28.92 -16.85
C GLY A 119 3.53 -27.97 -16.68
N THR A 120 3.70 -27.04 -17.63
CA THR A 120 4.74 -26.04 -17.56
C THR A 120 4.46 -25.15 -16.38
N ILE A 121 3.17 -24.85 -16.13
CA ILE A 121 2.85 -23.94 -15.07
C ILE A 121 3.22 -24.59 -13.70
N LEU A 122 2.86 -25.89 -13.55
CA LEU A 122 3.12 -26.66 -12.36
C LEU A 122 4.58 -26.70 -12.04
N ALA A 123 5.40 -26.92 -13.08
CA ALA A 123 6.82 -26.94 -12.94
C ALA A 123 7.44 -25.62 -12.50
N LEU A 124 7.02 -24.54 -13.18
CA LEU A 124 7.44 -23.19 -12.83
C LEU A 124 7.05 -22.83 -11.38
N VAL A 125 5.84 -23.22 -10.96
CA VAL A 125 5.36 -22.85 -9.62
C VAL A 125 6.04 -23.70 -8.60
N GLY A 126 6.38 -24.92 -8.99
CA GLY A 126 7.15 -25.80 -8.14
C GLY A 126 8.56 -25.34 -7.98
N ALA A 127 9.22 -25.03 -9.12
CA ALA A 127 10.56 -24.46 -9.05
C ALA A 127 10.65 -23.15 -8.24
N ASP A 128 9.65 -22.30 -8.40
CA ASP A 128 9.57 -21.05 -7.69
C ASP A 128 9.46 -21.29 -6.18
N GLY A 129 8.59 -22.20 -5.74
CA GLY A 129 8.49 -22.58 -4.34
C GLY A 129 9.84 -23.00 -3.80
N ILE A 130 10.55 -23.81 -4.58
CA ILE A 130 11.86 -24.32 -4.17
C ILE A 130 12.78 -23.11 -4.08
N MET A 131 12.76 -22.18 -5.07
CA MET A 131 13.63 -21.00 -4.99
C MET A 131 13.39 -20.26 -3.71
N ILE A 132 12.14 -19.94 -3.45
CA ILE A 132 11.86 -19.16 -2.25
C ILE A 132 12.10 -19.91 -0.95
N GLY A 133 11.74 -21.20 -0.89
CA GLY A 133 11.88 -22.02 0.34
C GLY A 133 13.36 -22.19 0.68
N THR A 134 14.19 -22.57 -0.32
CA THR A 134 15.66 -22.71 -0.06
C THR A 134 16.34 -21.34 0.23
N GLY A 135 15.83 -20.26 -0.38
CA GLY A 135 16.33 -18.92 -0.10
C GLY A 135 16.10 -18.54 1.33
N LEU A 136 14.93 -18.92 1.85
CA LEU A 136 14.61 -18.74 3.26
C LEU A 136 15.40 -19.60 4.27
N VAL A 137 15.58 -20.89 4.00
CA VAL A 137 16.44 -21.76 4.78
C VAL A 137 17.83 -21.13 4.84
N GLY A 138 18.33 -20.73 3.67
CA GLY A 138 19.57 -20.04 3.58
C GLY A 138 19.67 -18.86 4.49
N ALA A 139 18.70 -17.99 4.39
CA ALA A 139 18.65 -16.80 5.19
C ALA A 139 18.65 -17.02 6.70
N LEU A 140 18.28 -18.20 7.13
CA LEU A 140 18.07 -18.53 8.52
C LEU A 140 19.10 -19.49 8.99
N THR A 141 20.05 -19.86 8.14
CA THR A 141 21.02 -20.82 8.55
C THR A 141 22.17 -20.22 9.39
N LYS A 142 22.62 -20.96 10.42
CA LYS A 142 23.61 -20.47 11.36
C LYS A 142 25.07 -20.81 10.96
N VAL A 143 25.28 -21.81 10.12
CA VAL A 143 26.60 -22.19 9.66
C VAL A 143 26.91 -21.39 8.38
N TYR A 144 27.94 -20.55 8.47
CA TYR A 144 28.10 -19.50 7.53
C TYR A 144 28.14 -20.11 6.07
N SER A 145 28.99 -21.12 5.88
CA SER A 145 29.11 -21.77 4.64
C SER A 145 27.87 -22.46 4.07
N TYR A 146 27.01 -22.98 4.95
CA TYR A 146 25.80 -23.67 4.54
C TYR A 146 24.78 -22.61 4.05
N ARG A 147 24.94 -21.34 4.42
CA ARG A 147 24.08 -20.29 3.95
C ARG A 147 24.22 -20.22 2.43
N PHE A 148 25.46 -20.33 1.98
CA PHE A 148 25.76 -20.23 0.58
C PHE A 148 25.39 -21.48 -0.21
N VAL A 149 25.32 -22.65 0.43
CA VAL A 149 24.78 -23.87 -0.24
C VAL A 149 23.28 -23.72 -0.58
N TRP A 150 22.49 -23.18 0.33
CA TRP A 150 21.11 -22.95 0.09
C TRP A 150 20.86 -21.87 -0.95
N TRP A 151 21.68 -20.82 -0.89
CA TRP A 151 21.73 -19.79 -1.89
C TRP A 151 22.00 -20.29 -3.29
N ALA A 152 22.94 -21.21 -3.39
CA ALA A 152 23.25 -21.83 -4.67
C ALA A 152 22.11 -22.68 -5.25
N ILE A 153 21.45 -23.47 -4.41
CA ILE A 153 20.33 -24.31 -4.81
C ILE A 153 19.19 -23.37 -5.23
N SER A 154 18.95 -22.35 -4.44
CA SER A 154 17.93 -21.38 -4.80
C SER A 154 18.19 -20.69 -6.18
N THR A 155 19.44 -20.26 -6.41
CA THR A 155 19.85 -19.66 -7.69
C THR A 155 19.68 -20.60 -8.86
N ALA A 156 20.00 -21.85 -8.65
CA ALA A 156 19.69 -22.83 -9.60
C ALA A 156 18.24 -22.93 -10.01
N ALA A 157 17.34 -22.99 -9.04
CA ALA A 157 15.90 -23.04 -9.28
C ALA A 157 15.49 -21.81 -10.07
N MET A 158 16.06 -20.66 -9.73
CA MET A 158 15.79 -19.40 -10.42
C MET A 158 16.19 -19.48 -11.87
N LEU A 159 17.37 -20.00 -12.10
CA LEU A 159 17.89 -20.17 -13.44
C LEU A 159 17.08 -21.14 -14.26
N TYR A 160 16.50 -22.12 -13.64
CA TYR A 160 15.55 -22.99 -14.36
C TYR A 160 14.36 -22.25 -14.87
N ILE A 161 13.83 -21.45 -13.99
CA ILE A 161 12.76 -20.58 -14.31
C ILE A 161 13.01 -19.69 -15.47
N LEU A 162 14.11 -18.97 -15.37
CA LEU A 162 14.48 -18.03 -16.38
C LEU A 162 14.71 -18.71 -17.75
N TYR A 163 15.31 -19.91 -17.70
CA TYR A 163 15.50 -20.71 -18.91
C TYR A 163 14.21 -20.97 -19.61
N VAL A 164 13.25 -21.45 -18.83
CA VAL A 164 11.93 -21.72 -19.29
C VAL A 164 11.26 -20.54 -19.86
N LEU A 165 11.30 -19.40 -19.14
CA LEU A 165 10.70 -18.17 -19.68
C LEU A 165 11.33 -17.78 -21.02
N PHE A 166 12.65 -17.85 -21.07
CA PHE A 166 13.41 -17.44 -22.25
C PHE A 166 13.28 -18.41 -23.44
N PHE A 167 13.56 -19.67 -23.23
CA PHE A 167 13.51 -20.68 -24.31
C PHE A 167 12.09 -21.22 -24.53
N GLY A 168 11.38 -21.58 -23.49
CA GLY A 168 10.06 -22.20 -23.72
C GLY A 168 8.98 -21.19 -24.07
N PHE A 169 8.78 -20.21 -23.20
CA PHE A 169 7.69 -19.21 -23.44
C PHE A 169 7.86 -18.37 -24.67
N THR A 170 9.07 -17.83 -24.91
CA THR A 170 9.31 -17.05 -26.11
C THR A 170 8.90 -17.76 -27.36
N SER A 171 9.26 -19.01 -27.44
CA SER A 171 8.92 -19.91 -28.52
C SER A 171 7.40 -20.02 -28.67
N LYS A 172 6.72 -20.23 -27.56
CA LYS A 172 5.25 -20.25 -27.50
C LYS A 172 4.68 -18.90 -27.96
N ALA A 173 5.23 -17.79 -27.46
CA ALA A 173 4.72 -16.45 -27.85
C ALA A 173 4.71 -16.13 -29.38
N GLU A 174 5.65 -16.72 -30.12
CA GLU A 174 5.78 -16.57 -31.57
C GLU A 174 4.74 -17.37 -32.37
N SER A 175 3.80 -18.02 -31.72
CA SER A 175 2.62 -18.56 -32.39
C SER A 175 1.47 -17.59 -32.23
N MET A 176 1.64 -16.53 -31.44
CA MET A 176 0.54 -15.69 -31.06
C MET A 176 0.52 -14.44 -31.89
N ARG A 177 -0.52 -13.65 -31.74
CA ARG A 177 -0.62 -12.36 -32.42
C ARG A 177 0.53 -11.44 -32.03
N PRO A 178 0.98 -10.56 -32.96
CA PRO A 178 2.13 -9.70 -32.70
C PRO A 178 2.08 -8.89 -31.37
N GLU A 179 0.96 -8.30 -30.99
CA GLU A 179 0.93 -7.49 -29.75
C GLU A 179 1.13 -8.38 -28.50
N VAL A 180 0.62 -9.61 -28.56
CA VAL A 180 0.94 -10.61 -27.55
C VAL A 180 2.42 -11.02 -27.49
N ALA A 181 3.02 -11.34 -28.64
CA ALA A 181 4.48 -11.60 -28.67
C ALA A 181 5.25 -10.40 -28.20
N SER A 182 4.84 -9.19 -28.59
CA SER A 182 5.67 -8.05 -28.26
C SER A 182 5.55 -7.71 -26.77
N THR A 183 4.36 -7.78 -26.22
CA THR A 183 4.17 -7.51 -24.81
C THR A 183 4.87 -8.54 -23.92
N PHE A 184 4.75 -9.80 -24.31
CA PHE A 184 5.50 -10.83 -23.67
C PHE A 184 6.98 -10.58 -23.64
N LYS A 185 7.54 -10.15 -24.77
CA LYS A 185 9.01 -9.99 -24.79
C LYS A 185 9.51 -8.94 -23.84
N VAL A 186 8.81 -7.80 -23.82
CA VAL A 186 9.09 -6.75 -22.84
C VAL A 186 9.02 -7.27 -21.37
N LEU A 187 7.92 -7.93 -21.01
CA LEU A 187 7.70 -8.43 -19.68
C LEU A 187 8.75 -9.51 -19.33
N ARG A 188 9.06 -10.34 -20.29
CA ARG A 188 10.10 -11.36 -20.15
C ARG A 188 11.44 -10.72 -19.85
N ASN A 189 11.74 -9.69 -20.62
CA ASN A 189 12.99 -8.88 -20.47
C ASN A 189 13.09 -8.12 -19.20
N VAL A 190 12.00 -7.55 -18.76
CA VAL A 190 12.00 -6.93 -17.40
C VAL A 190 12.26 -7.95 -16.29
N THR A 191 11.58 -9.09 -16.40
CA THR A 191 11.62 -10.17 -15.49
C THR A 191 13.05 -10.77 -15.37
N VAL A 192 13.63 -11.09 -16.51
CA VAL A 192 15.00 -11.65 -16.50
C VAL A 192 15.99 -10.69 -15.84
N VAL A 193 15.93 -9.41 -16.22
CA VAL A 193 16.91 -8.44 -15.73
C VAL A 193 16.70 -8.25 -14.27
N LEU A 194 15.47 -7.93 -13.88
CA LEU A 194 15.22 -7.73 -12.46
C LEU A 194 15.46 -8.95 -11.54
N TRP A 195 14.92 -10.10 -11.87
CA TRP A 195 15.06 -11.30 -11.05
C TRP A 195 16.54 -11.77 -10.87
N SER A 196 17.28 -11.74 -11.95
CA SER A 196 18.66 -12.09 -11.91
C SER A 196 19.49 -11.21 -10.87
N ALA A 197 19.02 -10.01 -10.51
CA ALA A 197 19.74 -9.18 -9.60
C ALA A 197 19.55 -9.61 -8.16
N TYR A 198 18.41 -10.24 -7.83
CA TYR A 198 18.12 -10.63 -6.43
C TYR A 198 19.21 -11.51 -5.80
N PRO A 199 19.63 -12.56 -6.45
CA PRO A 199 20.66 -13.40 -5.85
C PRO A 199 21.99 -12.67 -5.57
N VAL A 200 22.31 -11.69 -6.42
CA VAL A 200 23.54 -10.91 -6.28
C VAL A 200 23.44 -10.01 -5.08
N VAL A 201 22.30 -9.33 -4.98
CA VAL A 201 22.02 -8.56 -3.78
C VAL A 201 22.15 -9.39 -2.48
N TRP A 202 21.54 -10.59 -2.45
CA TRP A 202 21.51 -11.40 -1.28
C TRP A 202 22.95 -11.79 -0.98
N LEU A 203 23.72 -12.16 -2.00
CA LEU A 203 25.12 -12.57 -1.86
C LEU A 203 26.06 -11.53 -1.19
N ILE A 204 25.92 -10.31 -1.60
CA ILE A 204 26.77 -9.22 -1.14
C ILE A 204 26.24 -8.46 0.06
N GLY A 205 24.97 -8.68 0.34
CA GLY A 205 24.29 -8.02 1.42
C GLY A 205 24.30 -8.77 2.72
N SER A 206 23.39 -8.34 3.60
CA SER A 206 23.33 -8.79 5.01
C SER A 206 23.08 -10.26 5.17
N GLU A 207 22.46 -10.90 4.19
CA GLU A 207 22.22 -12.30 4.25
C GLU A 207 23.47 -13.11 3.92
N GLY A 208 24.39 -12.51 3.16
CA GLY A 208 25.53 -13.21 2.58
C GLY A 208 26.84 -12.71 3.15
N ALA A 209 27.64 -12.03 2.33
CA ALA A 209 28.95 -11.53 2.70
C ALA A 209 28.98 -10.31 3.61
N GLY A 210 27.87 -9.57 3.73
CA GLY A 210 27.78 -8.51 4.67
C GLY A 210 28.50 -7.31 4.17
N ILE A 211 28.59 -7.14 2.85
CA ILE A 211 29.38 -6.04 2.31
C ILE A 211 28.51 -4.82 2.19
N VAL A 212 27.32 -4.99 1.60
CA VAL A 212 26.43 -3.88 1.36
C VAL A 212 25.62 -3.72 2.60
N PRO A 213 25.54 -2.52 3.17
CA PRO A 213 24.77 -2.37 4.43
C PRO A 213 23.25 -2.54 4.20
N LEU A 214 22.56 -2.93 5.27
CA LEU A 214 21.14 -3.24 5.28
C LEU A 214 20.30 -2.07 4.77
N ASN A 215 20.72 -0.83 5.05
CA ASN A 215 20.00 0.32 4.52
C ASN A 215 20.02 0.44 3.03
N ILE A 216 21.18 0.24 2.44
CA ILE A 216 21.33 0.25 1.02
C ILE A 216 20.72 -1.02 0.37
N GLU A 217 20.94 -2.19 0.96
CA GLU A 217 20.28 -3.38 0.51
C GLU A 217 18.73 -3.26 0.40
N THR A 218 18.12 -2.65 1.42
CA THR A 218 16.65 -2.43 1.41
C THR A 218 16.26 -1.56 0.26
N LEU A 219 17.10 -0.54 -0.01
CA LEU A 219 16.88 0.39 -1.14
C LEU A 219 16.88 -0.39 -2.41
N LEU A 220 17.83 -1.26 -2.51
CA LEU A 220 17.97 -2.11 -3.71
C LEU A 220 16.79 -3.02 -3.85
N PHE A 221 16.41 -3.70 -2.79
CA PHE A 221 15.28 -4.60 -2.91
C PHE A 221 13.99 -3.77 -3.20
N MET A 222 13.88 -2.58 -2.63
CA MET A 222 12.68 -1.75 -2.87
C MET A 222 12.58 -1.38 -4.32
N VAL A 223 13.69 -0.97 -4.92
CA VAL A 223 13.69 -0.64 -6.33
C VAL A 223 13.34 -1.79 -7.22
N LEU A 224 13.93 -2.94 -6.92
CA LEU A 224 13.66 -4.14 -7.69
C LEU A 224 12.21 -4.65 -7.54
N ASP A 225 11.68 -4.62 -6.30
CA ASP A 225 10.35 -5.09 -6.01
C ASP A 225 9.34 -4.20 -6.72
N VAL A 226 9.43 -2.87 -6.53
CA VAL A 226 8.47 -1.95 -7.19
C VAL A 226 8.52 -2.12 -8.74
N SER A 227 9.73 -2.17 -9.28
CA SER A 227 9.93 -2.44 -10.71
C SER A 227 9.37 -3.75 -11.19
N ALA A 228 9.59 -4.78 -10.39
CA ALA A 228 9.14 -6.11 -10.79
C ALA A 228 7.61 -6.35 -10.60
N LYS A 229 6.90 -5.47 -9.86
CA LYS A 229 5.51 -5.65 -9.58
C LYS A 229 4.66 -4.49 -10.19
N VAL A 230 4.98 -3.27 -9.76
CA VAL A 230 4.29 -2.11 -10.25
C VAL A 230 4.67 -1.78 -11.66
N GLY A 231 5.97 -1.77 -12.00
CA GLY A 231 6.45 -1.60 -13.35
C GLY A 231 5.95 -2.64 -14.32
N PHE A 232 6.15 -3.89 -13.95
CA PHE A 232 5.61 -5.05 -14.70
C PHE A 232 4.12 -4.88 -14.96
N GLY A 233 3.40 -4.59 -13.90
CA GLY A 233 1.94 -4.42 -13.90
C GLY A 233 1.45 -3.32 -14.80
N LEU A 234 2.12 -2.19 -14.79
CA LEU A 234 1.80 -1.06 -15.68
C LEU A 234 1.91 -1.39 -17.16
N ILE A 235 3.03 -2.01 -17.54
CA ILE A 235 3.29 -2.48 -18.88
C ILE A 235 2.24 -3.55 -19.27
N LEU A 236 2.01 -4.54 -18.38
CA LEU A 236 1.03 -5.61 -18.73
C LEU A 236 -0.42 -5.10 -18.92
N LEU A 237 -0.92 -4.45 -17.90
CA LEU A 237 -2.31 -3.99 -17.87
C LEU A 237 -2.68 -2.83 -18.84
N ARG A 238 -1.69 -2.16 -19.39
CA ARG A 238 -1.92 -1.09 -20.34
C ARG A 238 -1.83 -1.64 -21.74
N SER A 239 -1.54 -2.92 -21.89
CA SER A 239 -1.38 -3.53 -23.21
C SER A 239 -2.66 -4.15 -23.76
N ARG A 240 -2.71 -4.29 -25.06
CA ARG A 240 -3.91 -4.77 -25.74
C ARG A 240 -3.98 -6.29 -25.71
N ALA A 241 -2.83 -6.89 -25.43
CA ALA A 241 -2.62 -8.32 -25.31
C ALA A 241 -3.46 -9.02 -24.28
N ILE A 242 -3.88 -8.33 -23.21
CA ILE A 242 -4.66 -8.98 -22.15
C ILE A 242 -6.19 -9.15 -22.46
N PHE A 243 -6.61 -8.62 -23.59
CA PHE A 243 -8.01 -8.81 -24.11
C PHE A 243 -8.20 -10.10 -24.91
N GLY A 244 -9.17 -10.93 -24.51
CA GLY A 244 -9.26 -12.33 -25.01
C GLY A 244 -9.67 -12.42 -26.46
N THR B 18 -14.16 21.99 -17.95
CA THR B 18 -15.49 21.34 -17.71
C THR B 18 -16.37 22.08 -16.66
N GLY B 19 -15.74 22.74 -15.71
CA GLY B 19 -16.43 23.65 -14.81
C GLY B 19 -17.50 23.03 -13.94
N ARG B 20 -17.33 21.74 -13.63
CA ARG B 20 -18.23 20.96 -12.73
C ARG B 20 -18.60 21.69 -11.44
N PRO B 21 -19.87 21.59 -10.98
CA PRO B 21 -20.32 22.50 -9.90
C PRO B 21 -19.50 22.40 -8.59
N GLU B 22 -19.00 21.20 -8.30
CA GLU B 22 -18.26 20.95 -7.08
C GLU B 22 -16.86 21.56 -7.07
N TRP B 23 -16.41 22.02 -8.25
CA TRP B 23 -15.03 22.49 -8.36
C TRP B 23 -14.67 23.49 -7.23
N ILE B 24 -15.61 24.30 -6.86
CA ILE B 24 -15.32 25.41 -5.92
C ILE B 24 -14.85 24.90 -4.54
N TRP B 25 -15.37 23.73 -4.15
CA TRP B 25 -15.03 23.14 -2.88
C TRP B 25 -13.77 22.37 -2.93
N LEU B 26 -13.43 21.87 -4.11
CA LEU B 26 -12.16 21.24 -4.39
C LEU B 26 -11.07 22.31 -4.33
N ALA B 27 -11.38 23.51 -4.86
CA ALA B 27 -10.44 24.64 -4.87
C ALA B 27 -10.19 25.15 -3.46
N LEU B 28 -11.24 25.21 -2.63
CA LEU B 28 -11.13 25.67 -1.27
C LEU B 28 -10.45 24.63 -0.37
N GLY B 29 -10.75 23.36 -0.61
CA GLY B 29 -10.01 22.27 0.03
C GLY B 29 -8.52 22.26 -0.32
N THR B 30 -8.20 22.58 -1.56
CA THR B 30 -6.79 22.69 -2.01
C THR B 30 -6.06 23.75 -1.22
N ALA B 31 -6.65 24.93 -1.16
CA ALA B 31 -6.13 26.04 -0.43
C ALA B 31 -5.98 25.80 1.05
N LEU B 32 -6.94 25.11 1.68
CA LEU B 32 -6.87 24.91 3.10
C LEU B 32 -5.82 23.89 3.47
N MET B 33 -5.82 22.80 2.73
CA MET B 33 -4.89 21.77 2.94
C MET B 33 -3.46 22.33 2.70
N GLY B 34 -3.28 23.12 1.64
CA GLY B 34 -1.98 23.75 1.37
C GLY B 34 -1.47 24.67 2.45
N LEU B 35 -2.36 25.54 2.91
CA LEU B 35 -1.99 26.45 3.98
C LEU B 35 -1.62 25.70 5.25
N GLY B 36 -2.38 24.68 5.58
CA GLY B 36 -2.16 23.94 6.77
C GLY B 36 -0.83 23.20 6.68
N THR B 37 -0.53 22.55 5.54
CA THR B 37 0.77 21.96 5.31
C THR B 37 1.92 22.93 5.55
N LEU B 38 1.86 24.07 4.88
CA LEU B 38 2.94 25.09 4.97
C LEU B 38 3.13 25.53 6.41
N TYR B 39 2.01 25.83 7.12
CA TYR B 39 2.07 26.22 8.52
C TYR B 39 2.72 25.17 9.42
N PHE B 40 2.32 23.92 9.27
CA PHE B 40 2.87 22.86 10.04
C PHE B 40 4.35 22.65 9.72
N LEU B 41 4.71 22.80 8.44
CA LEU B 41 6.14 22.67 8.02
C LEU B 41 7.00 23.72 8.69
N VAL B 42 6.59 24.95 8.54
CA VAL B 42 7.27 26.08 9.17
C VAL B 42 7.44 25.87 10.65
N LYS B 43 6.37 25.46 11.31
CA LYS B 43 6.37 25.19 12.77
C LYS B 43 7.21 24.00 13.10
N GLY B 44 7.10 22.93 12.26
CA GLY B 44 7.94 21.73 12.48
C GLY B 44 9.43 21.96 12.29
N MET B 45 9.78 22.79 11.33
CA MET B 45 11.19 23.06 11.04
C MET B 45 11.96 23.70 12.21
N GLY B 46 11.26 24.45 13.06
CA GLY B 46 11.81 25.07 14.25
C GLY B 46 11.99 24.22 15.51
N VAL B 47 11.37 23.04 15.55
CA VAL B 47 11.46 22.16 16.73
C VAL B 47 12.71 21.29 16.71
N SER B 48 13.35 21.16 17.86
CA SER B 48 14.53 20.29 18.04
C SER B 48 14.25 19.05 18.93
N ASP B 49 13.21 19.09 19.77
CA ASP B 49 12.88 17.87 20.58
C ASP B 49 12.66 16.69 19.66
N PRO B 50 13.33 15.54 19.92
CA PRO B 50 13.16 14.45 18.97
C PRO B 50 11.72 13.96 18.87
N ASP B 51 11.12 13.69 20.02
CA ASP B 51 9.79 13.18 20.05
C ASP B 51 8.78 14.10 19.33
N ALA B 52 8.87 15.41 19.55
CA ALA B 52 8.07 16.40 18.86
C ALA B 52 8.25 16.35 17.37
N LYS B 53 9.49 16.16 16.90
CA LYS B 53 9.77 16.08 15.51
C LYS B 53 8.98 15.01 14.80
N LYS B 54 8.79 13.88 15.47
CA LYS B 54 8.05 12.72 14.91
C LYS B 54 6.62 13.07 14.57
N PHE B 55 5.95 13.67 15.56
CA PHE B 55 4.63 14.17 15.45
C PHE B 55 4.51 15.21 14.35
N TYR B 56 5.49 16.12 14.27
CA TYR B 56 5.48 17.12 13.23
C TYR B 56 5.59 16.53 11.86
N ALA B 57 6.44 15.52 11.70
CA ALA B 57 6.60 15.00 10.38
C ALA B 57 5.35 14.28 9.91
N ILE B 58 4.85 13.44 10.79
CA ILE B 58 3.65 12.67 10.53
C ILE B 58 2.52 13.66 10.20
N THR B 59 2.37 14.66 11.05
CA THR B 59 1.21 15.54 10.99
C THR B 59 1.33 16.52 9.82
N THR B 60 2.56 16.85 9.37
CA THR B 60 2.69 17.66 8.18
C THR B 60 2.42 16.87 6.92
N LEU B 61 2.84 15.62 6.92
CA LEU B 61 2.62 14.78 5.72
C LEU B 61 1.10 14.64 5.40
N VAL B 62 0.28 14.63 6.41
CA VAL B 62 -1.14 14.30 6.25
C VAL B 62 -1.83 15.32 5.33
N PRO B 63 -1.78 16.62 5.68
CA PRO B 63 -2.42 17.60 4.80
C PRO B 63 -1.67 17.74 3.47
N ALA B 64 -0.42 17.35 3.44
CA ALA B 64 0.37 17.43 2.24
C ALA B 64 -0.14 16.45 1.20
N ILE B 65 -0.47 15.24 1.64
CA ILE B 65 -1.12 14.24 0.78
C ILE B 65 -2.51 14.72 0.33
N ALA B 66 -3.32 15.14 1.27
CA ALA B 66 -4.69 15.65 0.98
C ALA B 66 -4.56 16.77 -0.07
N PHE B 67 -3.61 17.69 0.16
CA PHE B 67 -3.33 18.74 -0.83
C PHE B 67 -3.17 18.24 -2.26
N THR B 68 -2.33 17.22 -2.46
CA THR B 68 -2.08 16.71 -3.79
C THR B 68 -3.27 16.09 -4.44
N MET B 69 -4.05 15.36 -3.64
CA MET B 69 -5.29 14.74 -4.07
C MET B 69 -6.40 15.71 -4.41
N TYR B 70 -6.55 16.76 -3.60
CA TYR B 70 -7.48 17.82 -3.80
C TYR B 70 -7.14 18.60 -5.08
N LEU B 71 -5.84 18.89 -5.25
CA LEU B 71 -5.39 19.60 -6.44
C LEU B 71 -5.61 18.80 -7.72
N SER B 72 -5.27 17.51 -7.69
CA SER B 72 -5.57 16.63 -8.78
C SER B 72 -7.03 16.59 -9.19
N MET B 73 -7.89 16.37 -8.22
CA MET B 73 -9.34 16.34 -8.48
C MET B 73 -9.83 17.67 -9.05
N LEU B 74 -9.31 18.76 -8.53
CA LEU B 74 -9.57 20.09 -9.06
C LEU B 74 -9.22 20.15 -10.54
N LEU B 75 -8.10 19.55 -10.92
CA LEU B 75 -7.65 19.61 -12.31
C LEU B 75 -8.26 18.49 -13.15
N GLY B 76 -9.22 17.80 -12.55
CA GLY B 76 -10.03 16.78 -13.21
C GLY B 76 -9.50 15.36 -13.17
N TYR B 77 -8.49 15.07 -12.35
CA TYR B 77 -8.03 13.66 -12.22
C TYR B 77 -8.73 13.00 -11.03
N GLY B 78 -8.61 11.70 -10.97
CA GLY B 78 -9.28 10.92 -9.94
C GLY B 78 -10.78 10.80 -9.99
N LEU B 79 -11.37 11.02 -11.18
CA LEU B 79 -12.78 11.03 -11.39
C LEU B 79 -13.11 9.98 -12.45
N THR B 80 -13.98 9.04 -12.12
CA THR B 80 -14.40 8.08 -13.13
C THR B 80 -15.93 7.91 -13.08
N MET B 81 -16.57 7.58 -14.22
CA MET B 81 -18.00 7.29 -14.28
C MET B 81 -18.30 5.84 -13.96
N VAL B 82 -19.18 5.55 -13.00
CA VAL B 82 -19.55 4.14 -12.76
C VAL B 82 -21.08 3.94 -13.04
N PRO B 83 -21.46 2.95 -13.87
CA PRO B 83 -22.87 2.65 -14.10
C PRO B 83 -23.51 1.85 -12.97
N PHE B 84 -24.59 2.40 -12.42
CA PHE B 84 -25.49 1.71 -11.51
C PHE B 84 -26.78 2.53 -11.40
N GLY B 85 -27.89 1.87 -11.07
CA GLY B 85 -29.23 2.49 -10.93
C GLY B 85 -29.74 3.20 -12.18
N GLY B 86 -29.37 2.72 -13.36
CA GLY B 86 -29.72 3.35 -14.63
C GLY B 86 -29.02 4.68 -15.01
N GLU B 87 -27.85 4.98 -14.46
CA GLU B 87 -27.21 6.25 -14.64
C GLU B 87 -25.71 6.03 -14.65
N GLN B 88 -24.96 6.93 -15.28
CA GLN B 88 -23.51 6.97 -15.13
C GLN B 88 -23.21 7.92 -13.96
N ASN B 89 -22.70 7.38 -12.87
CA ASN B 89 -22.44 8.14 -11.70
C ASN B 89 -21.00 8.60 -11.56
N PRO B 90 -20.82 9.90 -11.29
CA PRO B 90 -19.52 10.38 -11.07
C PRO B 90 -18.92 9.97 -9.73
N ILE B 91 -17.80 9.25 -9.76
CA ILE B 91 -17.17 8.78 -8.55
C ILE B 91 -15.72 9.32 -8.47
N TYR B 92 -15.42 10.09 -7.42
CA TYR B 92 -14.04 10.56 -7.18
C TYR B 92 -13.20 9.55 -6.45
N TRP B 93 -12.47 8.70 -7.20
CA TRP B 93 -11.70 7.66 -6.54
C TRP B 93 -10.43 8.19 -5.88
N ALA B 94 -10.03 9.42 -6.25
CA ALA B 94 -8.84 10.02 -5.71
C ALA B 94 -8.93 10.16 -4.22
N ARG B 95 -10.15 10.24 -3.67
CA ARG B 95 -10.31 10.46 -2.25
C ARG B 95 -9.76 9.27 -1.50
N TYR B 96 -9.91 8.11 -2.10
CA TYR B 96 -9.38 6.86 -1.52
C TYR B 96 -7.87 6.74 -1.49
N ALA B 97 -7.21 7.33 -2.46
CA ALA B 97 -5.77 7.39 -2.53
C ALA B 97 -5.21 8.26 -1.45
N ASP B 98 -5.93 9.31 -1.14
CA ASP B 98 -5.70 10.18 -0.02
C ASP B 98 -5.89 9.50 1.27
N TRP B 99 -7.14 9.05 1.52
CA TRP B 99 -7.49 8.33 2.77
C TRP B 99 -6.67 7.02 3.03
N LEU B 100 -6.23 6.35 1.98
CA LEU B 100 -5.38 5.19 2.18
C LEU B 100 -4.18 5.44 3.09
N PHE B 101 -3.53 6.57 2.92
CA PHE B 101 -2.34 6.94 3.67
C PHE B 101 -2.66 7.90 4.81
N THR B 102 -3.55 8.87 4.57
CA THR B 102 -3.82 9.84 5.60
C THR B 102 -4.50 9.25 6.84
N THR B 103 -5.45 8.33 6.68
CA THR B 103 -6.19 7.80 7.85
C THR B 103 -5.27 7.01 8.78
N PRO B 104 -4.41 6.11 8.23
CA PRO B 104 -3.47 5.39 9.14
C PRO B 104 -2.40 6.33 9.81
N LEU B 105 -1.92 7.34 9.07
CA LEU B 105 -1.08 8.37 9.67
C LEU B 105 -1.75 9.08 10.90
N LEU B 106 -3.04 9.41 10.78
CA LEU B 106 -3.75 9.97 11.86
C LEU B 106 -3.84 9.01 13.06
N LEU B 107 -4.13 7.75 12.77
CA LEU B 107 -4.13 6.76 13.81
C LEU B 107 -2.72 6.62 14.48
N LEU B 108 -1.68 6.80 13.68
CA LEU B 108 -0.30 6.68 14.15
C LEU B 108 0.05 7.76 15.15
N ASP B 109 -0.34 8.99 14.81
CA ASP B 109 -0.33 10.11 15.79
C ASP B 109 -0.94 9.75 17.12
N LEU B 110 -2.18 9.24 17.08
CA LEU B 110 -2.91 8.85 18.26
C LEU B 110 -2.15 7.78 19.04
N ALA B 111 -1.67 6.80 18.30
CA ALA B 111 -0.96 5.65 18.91
C ALA B 111 0.36 6.02 19.60
N LEU B 112 1.20 6.83 18.95
CA LEU B 112 2.37 7.37 19.55
C LEU B 112 2.12 8.31 20.72
N LEU B 113 1.02 9.04 20.69
CA LEU B 113 0.62 9.83 21.79
C LEU B 113 0.47 8.99 23.09
N VAL B 114 -0.19 7.85 23.02
CA VAL B 114 -0.53 7.03 24.17
C VAL B 114 0.43 5.84 24.26
N ASP B 115 1.48 5.82 23.45
CA ASP B 115 2.49 4.75 23.47
C ASP B 115 1.87 3.36 23.28
N ALA B 116 0.98 3.24 22.31
CA ALA B 116 0.29 2.00 22.11
C ALA B 116 1.30 0.94 21.68
N ASP B 117 0.99 -0.31 21.94
CA ASP B 117 1.79 -1.43 21.52
C ASP B 117 1.80 -1.58 20.01
N GLN B 118 2.90 -2.15 19.52
CA GLN B 118 3.09 -2.41 18.11
C GLN B 118 1.99 -3.30 17.51
N GLY B 119 1.56 -4.30 18.24
CA GLY B 119 0.47 -5.14 17.79
C GLY B 119 -0.86 -4.41 17.60
N THR B 120 -1.14 -3.44 18.48
CA THR B 120 -2.38 -2.63 18.36
C THR B 120 -2.27 -1.73 17.15
N ILE B 121 -1.06 -1.23 16.89
CA ILE B 121 -0.87 -0.37 15.76
C ILE B 121 -1.08 -1.16 14.43
N LEU B 122 -0.49 -2.36 14.35
CA LEU B 122 -0.66 -3.28 13.23
C LEU B 122 -2.13 -3.53 12.92
N ALA B 123 -2.88 -3.91 13.95
CA ALA B 123 -4.28 -4.17 13.83
C ALA B 123 -5.08 -2.92 13.33
N LEU B 124 -4.78 -1.76 13.92
CA LEU B 124 -5.44 -0.52 13.50
C LEU B 124 -5.12 -0.19 12.07
N VAL B 125 -3.85 -0.33 11.63
CA VAL B 125 -3.49 -0.05 10.24
C VAL B 125 -4.06 -1.03 9.29
N GLY B 126 -4.15 -2.29 9.75
CA GLY B 126 -4.76 -3.34 8.99
C GLY B 126 -6.27 -3.11 8.77
N ALA B 127 -6.98 -2.89 9.88
CA ALA B 127 -8.37 -2.51 9.82
C ALA B 127 -8.65 -1.28 8.94
N ASP B 128 -7.77 -0.29 9.01
CA ASP B 128 -7.88 0.91 8.22
C ASP B 128 -7.74 0.67 6.74
N GLY B 129 -6.72 -0.09 6.32
CA GLY B 129 -6.59 -0.57 4.97
C GLY B 129 -7.81 -1.30 4.45
N ILE B 130 -8.37 -2.18 5.29
CA ILE B 130 -9.61 -2.89 4.93
C ILE B 130 -10.72 -1.86 4.78
N MET B 131 -10.83 -0.86 5.68
CA MET B 131 -11.88 0.18 5.54
C MET B 131 -11.76 0.90 4.20
N ILE B 132 -10.59 1.41 3.91
CA ILE B 132 -10.41 2.14 2.67
C ILE B 132 -10.54 1.30 1.45
N GLY B 133 -10.03 0.06 1.47
CA GLY B 133 -10.01 -0.80 0.32
C GLY B 133 -11.45 -1.22 -0.02
N THR B 134 -12.22 -1.64 0.99
CA THR B 134 -13.58 -2.09 0.74
C THR B 134 -14.52 -0.89 0.34
N GLY B 135 -14.24 0.27 0.89
CA GLY B 135 -14.92 1.49 0.56
C GLY B 135 -14.76 1.75 -0.88
N LEU B 136 -13.51 1.61 -1.37
CA LEU B 136 -13.22 1.79 -2.76
C LEU B 136 -13.88 0.77 -3.71
N VAL B 137 -13.87 -0.50 -3.33
CA VAL B 137 -14.52 -1.57 -4.08
C VAL B 137 -15.99 -1.18 -4.18
N GLY B 138 -16.56 -0.82 -3.06
CA GLY B 138 -17.91 -0.32 -3.00
C GLY B 138 -18.24 0.82 -3.94
N ALA B 139 -17.41 1.84 -3.90
CA ALA B 139 -17.53 2.99 -4.77
C ALA B 139 -17.46 2.70 -6.27
N LEU B 140 -16.93 1.54 -6.64
CA LEU B 140 -16.70 1.17 -8.01
C LEU B 140 -17.58 0.02 -8.48
N THR B 141 -18.45 -0.50 -7.60
CA THR B 141 -19.17 -1.65 -7.89
C THR B 141 -20.41 -1.28 -8.76
N LYS B 142 -20.70 -2.12 -9.75
CA LYS B 142 -21.78 -1.86 -10.71
C LYS B 142 -23.17 -2.42 -10.32
N VAL B 143 -23.24 -3.39 -9.42
CA VAL B 143 -24.48 -3.96 -9.01
C VAL B 143 -24.93 -3.15 -7.77
N TYR B 144 -26.06 -2.47 -7.91
CA TYR B 144 -26.41 -1.40 -6.99
C TYR B 144 -26.36 -1.89 -5.54
N SER B 145 -27.01 -2.99 -5.27
CA SER B 145 -27.03 -3.62 -3.94
C SER B 145 -25.73 -4.04 -3.32
N TYR B 146 -24.79 -4.52 -4.16
CA TYR B 146 -23.50 -4.96 -3.67
C TYR B 146 -22.64 -3.73 -3.26
N ARG B 147 -22.96 -2.54 -3.77
CA ARG B 147 -22.30 -1.34 -3.37
C ARG B 147 -22.45 -1.17 -1.83
N PHE B 148 -23.65 -1.48 -1.37
CA PHE B 148 -23.96 -1.35 0.03
C PHE B 148 -23.42 -2.49 0.89
N VAL B 149 -23.17 -3.65 0.31
CA VAL B 149 -22.46 -4.72 1.04
C VAL B 149 -21.02 -4.34 1.39
N TRP B 150 -20.32 -3.72 0.44
CA TRP B 150 -18.96 -3.24 0.64
C TRP B 150 -18.91 -2.07 1.63
N TRP B 151 -19.87 -1.16 1.53
CA TRP B 151 -20.10 -0.09 2.47
C TRP B 151 -20.29 -0.63 3.87
N ALA B 152 -21.09 -1.69 4.02
CA ALA B 152 -21.33 -2.22 5.36
C ALA B 152 -20.03 -2.79 5.97
N ILE B 153 -19.25 -3.53 5.15
CA ILE B 153 -18.03 -4.15 5.62
C ILE B 153 -17.03 -3.03 5.99
N SER B 154 -16.94 -2.05 5.17
CA SER B 154 -16.10 -0.93 5.43
C SER B 154 -16.47 -0.21 6.73
N THR B 155 -17.77 0.04 6.94
CA THR B 155 -18.26 0.65 8.13
C THR B 155 -17.91 -0.18 9.37
N ALA B 156 -18.08 -1.45 9.27
CA ALA B 156 -17.68 -2.31 10.34
C ALA B 156 -16.20 -2.17 10.76
N ALA B 157 -15.28 -2.09 9.78
CA ALA B 157 -13.91 -1.93 9.99
C ALA B 157 -13.62 -0.59 10.68
N MET B 158 -14.34 0.44 10.25
CA MET B 158 -14.33 1.74 10.91
C MET B 158 -14.73 1.67 12.40
N LEU B 159 -15.81 0.96 12.68
CA LEU B 159 -16.30 0.77 14.00
C LEU B 159 -15.35 -0.01 14.88
N TYR B 160 -14.59 -0.93 14.32
CA TYR B 160 -13.55 -1.62 15.04
C TYR B 160 -12.46 -0.62 15.51
N ILE B 161 -12.07 0.22 14.56
CA ILE B 161 -11.12 1.29 14.80
C ILE B 161 -11.55 2.20 15.92
N LEU B 162 -12.75 2.71 15.77
CA LEU B 162 -13.32 3.58 16.77
C LEU B 162 -13.45 2.96 18.18
N TYR B 163 -13.82 1.69 18.23
CA TYR B 163 -13.89 0.95 19.47
C TYR B 163 -12.52 0.93 20.21
N VAL B 164 -11.51 0.59 19.45
CA VAL B 164 -10.16 0.50 19.91
C VAL B 164 -9.62 1.83 20.37
N LEU B 165 -9.89 2.89 19.62
CA LEU B 165 -9.53 4.24 20.08
C LEU B 165 -10.22 4.60 21.38
N PHE B 166 -11.50 4.31 21.44
CA PHE B 166 -12.32 4.66 22.62
C PHE B 166 -12.08 3.82 23.85
N PHE B 167 -12.10 2.53 23.70
CA PHE B 167 -11.92 1.64 24.86
C PHE B 167 -10.45 1.34 25.11
N GLY B 168 -9.70 0.99 24.09
CA GLY B 168 -8.26 0.67 24.35
C GLY B 168 -7.36 1.87 24.63
N PHE B 169 -7.31 2.81 23.69
CA PHE B 169 -6.44 3.96 23.87
C PHE B 169 -6.71 4.86 25.04
N THR B 170 -7.99 5.20 25.27
CA THR B 170 -8.36 5.99 26.43
C THR B 170 -7.77 5.39 27.69
N SER B 171 -7.83 4.08 27.78
CA SER B 171 -7.36 3.33 28.94
C SER B 171 -5.84 3.45 29.07
N LYS B 172 -5.15 3.23 27.96
CA LYS B 172 -3.72 3.48 27.86
C LYS B 172 -3.36 4.94 28.22
N ALA B 173 -4.16 5.93 27.78
CA ALA B 173 -3.90 7.35 28.09
C ALA B 173 -3.96 7.74 29.59
N GLU B 174 -4.76 7.00 30.37
CA GLU B 174 -4.81 7.12 31.81
C GLU B 174 -3.55 6.73 32.58
N SER B 175 -2.56 6.19 31.92
CA SER B 175 -1.27 5.91 32.57
C SER B 175 -0.29 7.03 32.31
N MET B 176 -0.69 8.01 31.52
CA MET B 176 0.25 9.03 31.14
C MET B 176 -0.01 10.29 31.97
N ARG B 177 0.86 11.25 31.79
CA ARG B 177 0.72 12.57 32.40
C ARG B 177 -0.60 13.19 32.01
N PRO B 178 -1.17 14.03 32.87
CA PRO B 178 -2.47 14.65 32.58
C PRO B 178 -2.57 15.29 31.21
N GLU B 179 -1.56 16.02 30.79
CA GLU B 179 -1.74 16.82 29.62
C GLU B 179 -1.66 15.94 28.32
N VAL B 180 -1.02 14.79 28.46
CA VAL B 180 -1.19 13.72 27.48
C VAL B 180 -2.59 13.11 27.45
N ALA B 181 -3.12 12.75 28.59
CA ALA B 181 -4.46 12.19 28.64
C ALA B 181 -5.41 13.24 28.10
N SER B 182 -5.22 14.52 28.47
CA SER B 182 -6.24 15.49 28.05
C SER B 182 -6.18 15.74 26.54
N THR B 183 -4.97 15.87 26.00
CA THR B 183 -4.84 16.08 24.56
C THR B 183 -5.37 14.92 23.73
N PHE B 184 -5.03 13.70 24.17
CA PHE B 184 -5.61 12.53 23.58
C PHE B 184 -7.13 12.51 23.58
N LYS B 185 -7.76 12.87 24.69
CA LYS B 185 -9.22 12.83 24.74
C LYS B 185 -9.86 13.75 23.73
N VAL B 186 -9.32 14.94 23.62
CA VAL B 186 -9.82 15.93 22.61
C VAL B 186 -9.66 15.37 21.20
N LEU B 187 -8.48 14.90 20.88
CA LEU B 187 -8.18 14.37 19.55
C LEU B 187 -9.06 13.11 19.27
N ARG B 188 -9.24 12.30 20.29
CA ARG B 188 -10.11 11.11 20.21
C ARG B 188 -11.53 11.47 19.88
N ASN B 189 -11.97 12.52 20.55
CA ASN B 189 -13.29 13.10 20.37
C ASN B 189 -13.49 13.73 19.04
N VAL B 190 -12.54 14.50 18.54
CA VAL B 190 -12.62 15.01 17.16
C VAL B 190 -12.74 13.88 16.12
N THR B 191 -11.90 12.88 16.29
CA THR B 191 -11.80 11.76 15.46
C THR B 191 -13.11 10.92 15.40
N VAL B 192 -13.62 10.57 16.57
CA VAL B 192 -14.84 9.82 16.61
C VAL B 192 -15.99 10.55 15.89
N VAL B 193 -16.19 11.84 16.20
CA VAL B 193 -17.25 12.62 15.66
C VAL B 193 -17.09 12.79 14.16
N LEU B 194 -15.93 13.20 13.72
CA LEU B 194 -15.72 13.39 12.30
C LEU B 194 -15.74 12.09 11.46
N TRP B 195 -15.05 11.07 11.93
CA TRP B 195 -14.92 9.81 11.14
C TRP B 195 -16.31 9.13 10.98
N SER B 196 -17.07 9.13 12.06
CA SER B 196 -18.40 8.56 12.04
C SER B 196 -19.31 9.22 11.01
N ALA B 197 -19.02 10.42 10.58
CA ALA B 197 -19.87 11.10 9.57
C ALA B 197 -19.61 10.61 8.14
N TYR B 198 -18.41 10.17 7.84
CA TYR B 198 -18.07 9.75 6.47
C TYR B 198 -19.01 8.66 5.92
N PRO B 199 -19.29 7.58 6.66
CA PRO B 199 -20.18 6.54 6.12
C PRO B 199 -21.58 6.99 5.81
N VAL B 200 -22.05 7.94 6.61
CA VAL B 200 -23.34 8.56 6.38
C VAL B 200 -23.37 9.40 5.09
N VAL B 201 -22.39 10.26 4.95
CA VAL B 201 -22.23 11.02 3.72
C VAL B 201 -22.17 10.10 2.44
N TRP B 202 -21.41 9.03 2.51
CA TRP B 202 -21.28 8.13 1.40
C TRP B 202 -22.64 7.51 1.11
N LEU B 203 -23.32 7.01 2.15
CA LEU B 203 -24.62 6.40 2.10
C LEU B 203 -25.71 7.22 1.37
N ILE B 204 -25.74 8.50 1.64
CA ILE B 204 -26.75 9.42 1.10
C ILE B 204 -26.34 10.17 -0.13
N GLY B 205 -25.05 10.13 -0.43
CA GLY B 205 -24.52 10.85 -1.51
C GLY B 205 -24.46 10.08 -2.80
N SER B 206 -23.60 10.56 -3.68
CA SER B 206 -23.46 10.07 -5.00
C SER B 206 -23.00 8.63 -5.10
N GLU B 207 -22.28 8.15 -4.09
CA GLU B 207 -21.79 6.82 -4.12
C GLU B 207 -22.90 5.88 -3.74
N GLY B 208 -23.92 6.40 -3.02
CA GLY B 208 -24.90 5.55 -2.38
C GLY B 208 -26.29 5.79 -2.94
N ALA B 209 -27.15 6.36 -2.13
CA ALA B 209 -28.56 6.58 -2.49
C ALA B 209 -28.79 7.74 -3.48
N GLY B 210 -27.78 8.59 -3.70
CA GLY B 210 -27.90 9.63 -4.68
C GLY B 210 -28.84 10.72 -4.22
N ILE B 211 -28.94 10.97 -2.93
CA ILE B 211 -29.88 12.00 -2.44
C ILE B 211 -29.21 13.35 -2.39
N VAL B 212 -28.05 13.41 -1.78
CA VAL B 212 -27.33 14.67 -1.64
C VAL B 212 -26.57 14.84 -2.93
N PRO B 213 -26.72 15.99 -3.62
CA PRO B 213 -25.95 16.20 -4.83
C PRO B 213 -24.41 16.27 -4.62
N LEU B 214 -23.67 15.93 -5.67
CA LEU B 214 -22.20 15.88 -5.68
C LEU B 214 -21.53 17.22 -5.24
N ASN B 215 -22.17 18.34 -5.55
CA ASN B 215 -21.64 19.63 -5.10
C ASN B 215 -21.69 19.80 -3.58
N ILE B 216 -22.83 19.47 -2.97
CA ILE B 216 -23.00 19.54 -1.55
C ILE B 216 -22.18 18.43 -0.83
N GLU B 217 -22.16 17.24 -1.39
CA GLU B 217 -21.31 16.16 -0.88
C GLU B 217 -19.82 16.59 -0.81
N THR B 218 -19.31 17.19 -1.88
CA THR B 218 -17.94 17.68 -1.89
C THR B 218 -17.69 18.68 -0.75
N LEU B 219 -18.67 19.55 -0.50
CA LEU B 219 -18.59 20.53 0.57
C LEU B 219 -18.45 19.81 1.89
N LEU B 220 -19.28 18.79 2.06
CA LEU B 220 -19.31 18.02 3.25
C LEU B 220 -18.01 17.26 3.46
N PHE B 221 -17.50 16.61 2.43
CA PHE B 221 -16.21 15.96 2.61
C PHE B 221 -15.10 16.98 2.86
N MET B 222 -15.17 18.16 2.26
CA MET B 222 -14.15 19.19 2.44
C MET B 222 -14.12 19.67 3.85
N VAL B 223 -15.30 19.94 4.42
CA VAL B 223 -15.36 20.34 5.83
C VAL B 223 -14.80 19.27 6.80
N LEU B 224 -15.24 18.04 6.61
CA LEU B 224 -14.74 16.92 7.41
C LEU B 224 -13.22 16.65 7.23
N ASP B 225 -12.72 16.70 5.98
CA ASP B 225 -11.34 16.43 5.66
C ASP B 225 -10.46 17.50 6.31
N VAL B 226 -10.83 18.79 6.14
CA VAL B 226 -10.02 19.91 6.70
C VAL B 226 -10.01 19.80 8.21
N SER B 227 -11.18 19.60 8.78
CA SER B 227 -11.30 19.43 10.20
C SER B 227 -10.47 18.25 10.74
N ALA B 228 -10.52 17.13 10.06
CA ALA B 228 -9.93 15.91 10.52
C ALA B 228 -8.42 15.95 10.38
N LYS B 229 -7.89 16.84 9.53
CA LYS B 229 -6.45 16.87 9.27
C LYS B 229 -5.82 18.17 9.84
N VAL B 230 -6.32 19.32 9.36
CA VAL B 230 -5.81 20.58 9.79
C VAL B 230 -6.27 20.95 11.16
N GLY B 231 -7.57 20.79 11.46
CA GLY B 231 -8.11 20.97 12.86
C GLY B 231 -7.41 20.06 13.88
N PHE B 232 -7.38 18.79 13.57
CA PHE B 232 -6.70 17.79 14.36
C PHE B 232 -5.27 18.22 14.61
N GLY B 233 -4.59 18.47 13.51
CA GLY B 233 -3.19 18.88 13.52
C GLY B 233 -2.90 20.11 14.36
N LEU B 234 -3.72 21.15 14.21
CA LEU B 234 -3.60 22.32 15.07
C LEU B 234 -3.63 22.01 16.57
N ILE B 235 -4.62 21.22 17.00
CA ILE B 235 -4.75 20.78 18.35
C ILE B 235 -3.54 19.97 18.84
N LEU B 236 -3.13 19.00 18.03
CA LEU B 236 -2.04 18.17 18.41
C LEU B 236 -0.72 18.93 18.56
N LEU B 237 -0.35 19.62 17.50
CA LEU B 237 0.95 20.24 17.41
C LEU B 237 1.13 21.50 18.31
N ARG B 238 0.05 22.03 18.82
CA ARG B 238 0.09 23.16 19.72
C ARG B 238 0.13 22.67 21.15
N SER B 239 0.08 21.36 21.36
CA SER B 239 0.04 20.82 22.71
C SER B 239 1.43 20.47 23.29
N ARG B 240 1.50 20.40 24.61
CA ARG B 240 2.77 20.15 25.32
C ARG B 240 3.04 18.64 25.42
N ALA B 241 2.00 17.88 25.10
CA ALA B 241 2.03 16.45 25.02
C ALA B 241 2.98 15.82 24.04
N ILE B 242 3.32 16.52 22.95
CA ILE B 242 4.16 15.95 21.89
C ILE B 242 5.68 15.93 22.21
N PHE B 243 6.03 16.54 23.34
CA PHE B 243 7.41 16.53 23.83
C PHE B 243 7.78 15.26 24.63
N GLY B 244 8.85 14.60 24.24
CA GLY B 244 9.23 13.29 24.81
C GLY B 244 9.61 13.32 26.28
#